data_9FZA
#
_entry.id   9FZA
#
_cell.length_a   43.992
_cell.length_b   106.498
_cell.length_c   166.162
_cell.angle_alpha   90.00
_cell.angle_beta   90.00
_cell.angle_gamma   90.00
#
_symmetry.space_group_name_H-M   'P 21 21 21'
#
loop_
_entity.id
_entity.type
_entity.pdbx_description
1 polymer 'Transcriptional enhancer factor TEF-1'
2 polymer 'Transcriptional coactivator YAP1'
3 non-polymer 'CHLORIDE ION'
4 non-polymer ~{N}-[(4-phenoxyphenyl)methyl]imidazo[1,2-a]pyridine-3-carboxamide
5 water water
#
loop_
_entity_poly.entity_id
_entity_poly.type
_entity_poly.pdbx_seq_one_letter_code
_entity_poly.pdbx_strand_id
1 'polypeptide(L)'
;GPRSIGTTKLRLVEFSAFLEQQRDPDSYNKHLFVHIGHANHSYSDPLLESVDIRQIYDKFPEKKGGLKELFGKGPQNAFF
LVKFWADLNCNIQDDAGAFYGVTSQYESSENMTVTCSTKVCSFGKQVVEKVETEYARFENGRFVYRINRSPMCEYMINFI
HKLKHLPEKYMMNSVLENFTILLVVTNRDTQETLLCMACVFEVSNSEHGAQHHIYRLVKD
;
A,C
2 'polypeptide(L)' GHQIVHVRGDSETDLEALFNAVMNPKTANVPQTVPMRLRKLPDSFFKPPEPKSHSRQAST B,D
#
loop_
_chem_comp.id
_chem_comp.type
_chem_comp.name
_chem_comp.formula
A1IHH non-polymer ~{N}-[(4-phenoxyphenyl)methyl]imidazo[1,2-a]pyridine-3-carboxamide 'C21 H17 N3 O2'
CL non-polymer 'CHLORIDE ION' 'Cl -1'
#
# COMPACT_ATOMS: atom_id res chain seq x y z
N SER A 4 9.69 27.50 -6.44
CA SER A 4 10.21 27.52 -5.07
C SER A 4 9.19 26.98 -4.02
N ILE A 5 9.68 26.62 -2.83
CA ILE A 5 8.81 26.13 -1.77
C ILE A 5 8.58 27.25 -0.79
N GLY A 6 7.34 27.69 -0.67
CA GLY A 6 7.01 28.78 0.23
C GLY A 6 5.64 29.39 0.03
N THR A 7 5.14 29.97 1.11
CA THR A 7 3.89 30.69 1.20
C THR A 7 4.24 32.16 1.47
N THR A 8 3.23 33.05 1.55
CA THR A 8 3.52 34.45 1.89
C THR A 8 3.96 34.54 3.37
N LYS A 9 3.80 33.48 4.19
CA LYS A 9 4.20 33.46 5.59
C LYS A 9 5.63 32.93 5.84
N LEU A 10 6.11 32.01 5.01
CA LEU A 10 7.44 31.43 5.16
C LEU A 10 7.93 30.83 3.87
N ARG A 11 9.22 30.96 3.57
CA ARG A 11 9.78 30.41 2.34
C ARG A 11 11.06 29.64 2.60
N LEU A 12 11.23 28.47 1.95
CA LEU A 12 12.45 27.67 2.06
C LEU A 12 13.43 28.27 1.07
N VAL A 13 14.56 28.71 1.57
CA VAL A 13 15.59 29.34 0.76
C VAL A 13 16.69 28.37 0.37
N GLU A 14 17.07 27.52 1.32
CA GLU A 14 18.13 26.58 1.05
C GLU A 14 17.99 25.38 1.95
N PHE A 15 18.30 24.22 1.42
CA PHE A 15 18.35 22.95 2.13
C PHE A 15 19.54 22.16 1.55
N SER A 16 20.26 21.41 2.39
CA SER A 16 21.32 20.52 1.97
C SER A 16 21.57 19.44 3.03
N ALA A 17 21.82 18.22 2.59
CA ALA A 17 22.18 17.11 3.46
C ALA A 17 23.58 16.75 2.96
N PHE A 18 24.59 16.77 3.84
CA PHE A 18 25.97 16.58 3.41
C PHE A 18 26.81 15.64 4.28
N LEU A 19 28.00 15.30 3.76
CA LEU A 19 29.04 14.54 4.44
C LEU A 19 30.35 15.35 4.34
N GLU A 20 30.86 15.81 5.49
CA GLU A 20 32.13 16.52 5.60
C GLU A 20 33.20 15.55 6.01
N GLN A 21 34.38 15.62 5.40
CA GLN A 21 35.51 14.77 5.74
C GLN A 21 36.77 15.60 5.87
N GLN A 22 37.53 15.37 6.93
CA GLN A 22 38.75 16.12 7.17
C GLN A 22 39.92 15.14 7.24
N ARG A 23 40.50 14.77 6.08
CA ARG A 23 41.64 13.84 5.98
C ARG A 23 42.79 14.24 6.93
N ASP A 24 43.09 15.53 7.03
CA ASP A 24 44.12 16.09 7.91
C ASP A 24 43.84 17.60 8.14
N PRO A 25 44.61 18.32 9.00
CA PRO A 25 44.30 19.75 9.24
C PRO A 25 44.37 20.67 8.02
N ASP A 26 44.92 20.19 6.91
CA ASP A 26 45.05 20.99 5.68
C ASP A 26 44.08 20.55 4.58
N SER A 27 43.35 19.43 4.76
CA SER A 27 42.42 18.96 3.74
C SER A 27 40.99 18.86 4.24
N TYR A 28 40.07 19.47 3.50
CA TYR A 28 38.65 19.47 3.84
C TYR A 28 37.85 19.06 2.61
N ASN A 29 36.83 18.25 2.82
CA ASN A 29 35.96 17.82 1.73
C ASN A 29 34.52 17.86 2.15
N LYS A 30 33.63 18.28 1.25
CA LYS A 30 32.19 18.27 1.54
C LYS A 30 31.43 17.68 0.37
N HIS A 31 30.59 16.69 0.65
CA HIS A 31 29.79 16.04 -0.39
C HIS A 31 28.31 16.26 -0.11
N LEU A 32 27.54 16.75 -1.08
CA LEU A 32 26.09 16.91 -0.91
C LEU A 32 25.37 15.72 -1.46
N PHE A 33 24.45 15.16 -0.68
CA PHE A 33 23.61 14.05 -1.09
C PHE A 33 22.39 14.65 -1.81
N VAL A 34 21.76 15.66 -1.20
CA VAL A 34 20.62 16.38 -1.77
C VAL A 34 20.77 17.87 -1.43
N HIS A 35 20.18 18.74 -2.24
CA HIS A 35 20.19 20.18 -2.03
C HIS A 35 19.01 20.88 -2.73
N ILE A 36 18.63 22.05 -2.23
CA ILE A 36 17.58 22.89 -2.78
C ILE A 36 18.07 24.33 -2.59
N GLY A 37 17.98 25.14 -3.61
CA GLY A 37 18.33 26.56 -3.54
C GLY A 37 19.79 26.86 -3.82
N HIS A 38 20.42 26.01 -4.66
CA HIS A 38 21.83 26.11 -5.03
C HIS A 38 22.07 26.59 -6.48
N PRO A 46 7.69 27.83 -14.56
CA PRO A 46 7.53 28.67 -13.34
C PRO A 46 6.41 28.19 -12.42
N LEU A 47 5.36 27.58 -13.01
CA LEU A 47 4.19 27.04 -12.32
C LEU A 47 4.45 25.57 -11.95
N LEU A 48 4.42 25.25 -10.64
CA LEU A 48 4.67 23.90 -10.17
C LEU A 48 3.57 22.91 -10.58
N GLU A 49 3.98 21.68 -10.96
CA GLU A 49 3.06 20.60 -11.26
C GLU A 49 2.36 20.20 -9.95
N SER A 50 1.15 19.65 -10.05
CA SER A 50 0.38 19.25 -8.88
C SER A 50 0.33 17.76 -8.73
N VAL A 51 0.23 17.29 -7.49
CA VAL A 51 0.06 15.89 -7.20
C VAL A 51 -1.14 15.72 -6.26
N ASP A 52 -2.01 14.72 -6.51
CA ASP A 52 -3.15 14.43 -5.64
C ASP A 52 -2.56 13.83 -4.39
N ILE A 53 -2.67 14.52 -3.25
CA ILE A 53 -2.11 14.05 -1.99
C ILE A 53 -2.61 12.66 -1.57
N ARG A 54 -3.80 12.28 -2.05
CA ARG A 54 -4.35 10.97 -1.77
C ARG A 54 -3.48 9.81 -2.35
N GLN A 55 -2.63 10.10 -3.37
CA GLN A 55 -1.72 9.13 -3.96
C GLN A 55 -0.50 8.82 -3.04
N ILE A 56 -0.23 9.67 -2.02
CA ILE A 56 0.94 9.44 -1.16
C ILE A 56 0.66 9.34 0.34
N TYR A 57 -0.59 9.51 0.78
CA TYR A 57 -0.96 9.45 2.20
C TYR A 57 -0.41 8.21 2.92
N ASP A 58 -0.42 7.06 2.26
CA ASP A 58 0.03 5.80 2.84
C ASP A 58 1.53 5.74 3.13
N LYS A 59 2.34 6.60 2.47
CA LYS A 59 3.78 6.67 2.63
C LYS A 59 4.23 7.54 3.83
N PHE A 60 3.28 8.17 4.54
CA PHE A 60 3.49 9.09 5.66
C PHE A 60 2.55 8.76 6.84
N PRO A 61 2.94 9.16 8.07
CA PRO A 61 2.11 8.86 9.24
C PRO A 61 0.68 9.38 9.13
N GLU A 62 -0.30 8.60 9.59
CA GLU A 62 -1.70 9.00 9.49
C GLU A 62 -2.48 8.86 10.80
N LYS A 63 -1.79 9.06 11.92
CA LYS A 63 -2.41 8.96 13.23
C LYS A 63 -2.66 10.40 13.77
N LYS A 64 -2.76 10.59 15.11
CA LYS A 64 -2.92 11.91 15.70
C LYS A 64 -1.67 12.77 15.38
N GLY A 65 -1.86 13.75 14.52
CA GLY A 65 -0.80 14.61 14.05
C GLY A 65 -0.15 14.16 12.76
N GLY A 66 -0.89 13.40 11.95
CA GLY A 66 -0.40 12.88 10.67
C GLY A 66 -0.56 13.81 9.48
N LEU A 67 -0.09 13.39 8.31
CA LEU A 67 -0.14 14.18 7.08
C LEU A 67 -1.57 14.52 6.64
N LYS A 68 -2.49 13.54 6.60
CA LYS A 68 -3.91 13.76 6.24
C LYS A 68 -4.52 14.77 7.21
N GLU A 69 -4.26 14.57 8.51
CA GLU A 69 -4.75 15.45 9.56
C GLU A 69 -4.27 16.90 9.37
N LEU A 70 -2.95 17.08 9.13
CA LEU A 70 -2.32 18.40 8.93
C LEU A 70 -2.79 19.06 7.65
N PHE A 71 -3.01 18.27 6.58
CA PHE A 71 -3.46 18.80 5.31
C PHE A 71 -4.90 19.29 5.43
N GLY A 72 -5.73 18.52 6.14
CA GLY A 72 -7.12 18.88 6.38
C GLY A 72 -7.23 20.19 7.14
N LYS A 73 -6.45 20.32 8.23
CA LYS A 73 -6.42 21.54 9.05
C LYS A 73 -5.85 22.72 8.21
N GLY A 74 -4.84 22.45 7.37
CA GLY A 74 -4.26 23.42 6.47
C GLY A 74 -3.28 24.40 7.07
N PRO A 75 -2.91 25.49 6.33
CA PRO A 75 -3.35 25.89 4.98
C PRO A 75 -2.82 24.97 3.88
N GLN A 76 -3.64 24.60 2.90
CA GLN A 76 -3.23 23.65 1.87
C GLN A 76 -2.13 24.14 0.90
N ASN A 77 -1.91 25.47 0.76
CA ASN A 77 -0.81 25.94 -0.10
C ASN A 77 0.57 25.69 0.54
N ALA A 78 0.63 25.40 1.85
CA ALA A 78 1.89 25.10 2.51
C ALA A 78 2.37 23.66 2.27
N PHE A 79 1.63 22.85 1.51
CA PHE A 79 1.95 21.45 1.31
C PHE A 79 2.60 21.18 -0.03
N PHE A 80 3.78 20.57 0.04
CA PHE A 80 4.60 20.25 -1.11
C PHE A 80 5.10 18.82 -1.03
N LEU A 81 5.31 18.22 -2.18
CA LEU A 81 5.88 16.89 -2.30
C LEU A 81 7.18 17.10 -3.07
N VAL A 82 8.32 16.69 -2.51
CA VAL A 82 9.61 16.82 -3.19
C VAL A 82 10.15 15.46 -3.57
N LYS A 83 10.47 15.29 -4.84
CA LYS A 83 11.09 14.07 -5.32
C LYS A 83 12.60 14.36 -5.43
N PHE A 84 13.43 13.56 -4.76
CA PHE A 84 14.88 13.76 -4.79
C PHE A 84 15.58 12.61 -5.48
N TRP A 85 16.66 12.93 -6.19
CA TRP A 85 17.57 11.96 -6.78
C TRP A 85 18.89 12.23 -6.06
N ALA A 86 19.14 11.50 -4.96
CA ALA A 86 20.27 11.65 -4.07
C ALA A 86 21.58 11.18 -4.65
N ASP A 87 22.61 11.99 -4.52
CA ASP A 87 23.96 11.69 -4.99
C ASP A 87 24.66 10.88 -3.92
N LEU A 88 24.90 9.60 -4.22
CA LEU A 88 25.60 8.71 -3.31
C LEU A 88 27.06 8.41 -3.77
N ASN A 89 27.57 9.13 -4.77
CA ASN A 89 28.93 8.93 -5.25
C ASN A 89 29.89 9.72 -4.35
N CYS A 90 30.31 9.08 -3.25
CA CYS A 90 31.20 9.68 -2.27
C CYS A 90 32.06 8.61 -1.61
N ASN A 91 33.28 8.98 -1.15
CA ASN A 91 34.14 8.01 -0.50
C ASN A 91 33.95 8.00 1.03
N GLY A 97 38.32 12.09 9.53
CA GLY A 97 37.17 12.28 10.41
C GLY A 97 35.96 12.81 9.69
N ALA A 98 34.75 12.29 9.98
CA ALA A 98 33.55 12.69 9.24
C ALA A 98 32.37 13.27 10.05
N PHE A 99 31.61 14.19 9.41
CA PHE A 99 30.40 14.79 9.97
C PHE A 99 29.25 14.69 8.95
N TYR A 100 28.13 14.10 9.34
CA TYR A 100 26.96 13.99 8.47
C TYR A 100 26.00 15.04 8.98
N GLY A 101 25.72 16.05 8.18
CA GLY A 101 24.86 17.14 8.62
C GLY A 101 23.81 17.62 7.67
N VAL A 102 22.91 18.47 8.16
CA VAL A 102 21.85 19.06 7.39
C VAL A 102 21.85 20.58 7.61
N THR A 103 21.82 21.36 6.53
CA THR A 103 21.79 22.80 6.61
C THR A 103 20.51 23.31 5.91
N SER A 104 19.70 24.11 6.59
CA SER A 104 18.48 24.68 6.00
C SER A 104 18.33 26.15 6.33
N GLN A 105 17.53 26.87 5.55
CA GLN A 105 17.32 28.30 5.79
C GLN A 105 15.96 28.72 5.31
N TYR A 106 15.18 29.33 6.19
CA TYR A 106 13.84 29.84 5.89
C TYR A 106 13.83 31.36 5.95
N GLU A 107 12.81 31.93 5.36
CA GLU A 107 12.65 33.36 5.26
C GLU A 107 11.19 33.73 5.60
N SER A 108 11.02 34.80 6.37
CA SER A 108 9.69 35.30 6.70
C SER A 108 9.67 36.81 6.75
N SER A 109 8.53 37.37 6.49
CA SER A 109 8.30 38.81 6.55
C SER A 109 7.95 39.20 7.97
N GLU A 110 7.37 38.28 8.77
CA GLU A 110 7.01 38.48 10.15
C GLU A 110 8.00 37.72 11.06
N ASN A 111 8.29 38.32 12.24
CA ASN A 111 9.19 37.75 13.22
C ASN A 111 8.43 36.69 13.98
N MET A 112 8.93 35.45 13.92
CA MET A 112 8.30 34.35 14.65
C MET A 112 9.37 33.48 15.35
N THR A 113 8.89 32.42 16.02
CA THR A 113 9.68 31.37 16.61
C THR A 113 9.14 30.16 15.87
N VAL A 114 9.97 29.54 15.05
CA VAL A 114 9.52 28.40 14.26
C VAL A 114 9.98 27.08 14.86
N THR A 115 9.21 26.00 14.62
CA THR A 115 9.61 24.68 15.10
C THR A 115 9.73 23.78 13.88
N CYS A 116 10.92 23.21 13.64
CA CYS A 116 11.14 22.32 12.49
C CYS A 116 11.12 20.87 12.89
N SER A 117 10.07 20.15 12.47
CA SER A 117 9.97 18.74 12.74
C SER A 117 10.43 17.98 11.51
N THR A 118 11.36 17.04 11.67
CA THR A 118 11.82 16.21 10.58
C THR A 118 11.53 14.80 11.00
N LYS A 119 10.63 14.12 10.32
CA LYS A 119 10.31 12.74 10.66
C LYS A 119 10.88 11.79 9.65
N VAL A 120 11.73 10.87 10.12
CA VAL A 120 12.26 9.84 9.24
C VAL A 120 11.24 8.71 9.29
N CYS A 121 10.67 8.37 8.13
CA CYS A 121 9.62 7.36 8.04
C CYS A 121 10.05 6.12 7.26
N SER A 122 9.72 4.97 7.79
CA SER A 122 10.00 3.70 7.16
C SER A 122 8.65 2.98 7.06
N PHE A 123 8.26 2.62 5.84
CA PHE A 123 6.96 2.00 5.52
C PHE A 123 5.80 2.91 5.94
N GLY A 124 6.00 4.22 5.90
CA GLY A 124 4.99 5.19 6.29
C GLY A 124 4.89 5.42 7.79
N LYS A 125 5.70 4.71 8.59
CA LYS A 125 5.65 4.85 10.03
C LYS A 125 6.85 5.61 10.50
N GLN A 126 6.65 6.57 11.39
CA GLN A 126 7.71 7.37 11.98
C GLN A 126 8.66 6.49 12.78
N VAL A 127 9.96 6.70 12.63
CA VAL A 127 10.97 5.95 13.38
C VAL A 127 11.77 6.98 14.20
N VAL A 128 12.17 8.10 13.59
CA VAL A 128 12.90 9.16 14.30
C VAL A 128 12.17 10.51 14.13
N GLU A 129 12.35 11.42 15.08
CA GLU A 129 11.84 12.78 14.94
C GLU A 129 12.83 13.81 15.45
N LYS A 130 13.42 14.58 14.57
CA LYS A 130 14.30 15.66 14.98
C LYS A 130 13.41 16.90 15.13
N VAL A 131 13.52 17.63 16.24
CA VAL A 131 12.68 18.81 16.47
C VAL A 131 13.60 19.99 16.77
N GLU A 132 13.61 21.02 15.91
CA GLU A 132 14.49 22.17 16.13
C GLU A 132 13.77 23.50 16.19
N THR A 133 13.82 24.15 17.35
CA THR A 133 13.21 25.47 17.53
C THR A 133 14.20 26.52 17.04
N GLU A 134 13.79 27.36 16.09
CA GLU A 134 14.66 28.37 15.53
C GLU A 134 14.09 29.77 15.65
N TYR A 135 14.97 30.76 15.74
CA TYR A 135 14.56 32.15 15.95
C TYR A 135 14.99 33.06 14.82
N ALA A 136 14.20 34.12 14.60
CA ALA A 136 14.48 35.04 13.52
C ALA A 136 15.70 35.88 13.75
N ARG A 137 16.40 36.16 12.66
CA ARG A 137 17.57 37.02 12.64
C ARG A 137 17.28 37.92 11.44
N PHE A 138 17.04 39.21 11.67
CA PHE A 138 16.71 40.13 10.59
C PHE A 138 17.89 40.42 9.66
N GLU A 139 17.87 39.84 8.45
CA GLU A 139 18.92 40.06 7.47
C GLU A 139 18.30 40.53 6.19
N ASN A 140 18.88 41.60 5.61
CA ASN A 140 18.50 42.16 4.31
C ASN A 140 16.98 42.41 4.14
N GLY A 141 16.40 43.20 5.04
CA GLY A 141 15.00 43.57 4.95
C GLY A 141 13.94 42.54 5.35
N ARG A 142 14.34 41.35 5.82
CA ARG A 142 13.37 40.35 6.27
C ARG A 142 13.95 39.45 7.37
N PHE A 143 13.09 38.61 7.99
CA PHE A 143 13.50 37.68 9.02
C PHE A 143 14.02 36.38 8.42
N VAL A 144 15.16 35.91 8.89
CA VAL A 144 15.84 34.72 8.41
C VAL A 144 15.98 33.70 9.56
N TYR A 145 15.64 32.44 9.27
CA TYR A 145 15.73 31.36 10.25
C TYR A 145 16.71 30.40 9.62
N ARG A 146 17.87 30.24 10.21
CA ARG A 146 18.90 29.39 9.67
C ARG A 146 19.24 28.24 10.60
N ILE A 147 19.37 27.01 10.06
CA ILE A 147 19.79 25.84 10.82
C ILE A 147 21.07 25.38 10.14
N ASN A 148 22.26 25.73 10.69
CA ASN A 148 23.52 25.33 10.06
C ASN A 148 24.06 24.09 10.74
N ARG A 149 24.63 23.19 9.94
CA ARG A 149 25.25 21.95 10.37
C ARG A 149 24.50 21.19 11.48
N SER A 150 23.24 20.83 11.23
CA SER A 150 22.45 20.07 12.18
C SER A 150 22.88 18.62 12.04
N PRO A 151 23.40 18.00 13.11
CA PRO A 151 23.80 16.59 13.01
C PRO A 151 22.72 15.65 12.50
N MET A 152 23.10 14.74 11.61
CA MET A 152 22.18 13.73 11.11
C MET A 152 22.04 12.69 12.24
N CYS A 153 20.86 12.08 12.36
CA CYS A 153 20.65 11.07 13.38
C CYS A 153 21.36 9.76 13.01
N GLU A 154 21.63 8.92 14.02
CA GLU A 154 22.30 7.63 13.80
C GLU A 154 21.55 6.74 12.83
N TYR A 155 20.22 6.86 12.78
CA TYR A 155 19.42 6.08 11.83
C TYR A 155 19.78 6.50 10.41
N MET A 156 19.82 7.81 10.15
CA MET A 156 20.17 8.31 8.83
C MET A 156 21.60 7.99 8.42
N ILE A 157 22.56 8.10 9.37
CA ILE A 157 23.97 7.80 9.08
C ILE A 157 24.14 6.35 8.68
N ASN A 158 23.59 5.42 9.48
CA ASN A 158 23.66 3.99 9.20
C ASN A 158 22.89 3.61 7.93
N PHE A 159 21.78 4.32 7.64
CA PHE A 159 20.99 4.10 6.43
C PHE A 159 21.81 4.41 5.17
N ILE A 160 22.54 5.54 5.15
CA ILE A 160 23.38 5.93 4.02
C ILE A 160 24.49 4.91 3.83
N HIS A 161 25.13 4.50 4.95
CA HIS A 161 26.20 3.50 4.97
C HIS A 161 25.72 2.18 4.38
N LYS A 162 24.50 1.75 4.74
CA LYS A 162 23.93 0.50 4.27
C LYS A 162 23.46 0.58 2.83
N LEU A 163 23.01 1.79 2.38
CA LEU A 163 22.56 2.01 1.00
C LEU A 163 23.77 1.93 0.09
N LYS A 164 24.85 2.64 0.43
CA LYS A 164 26.08 2.65 -0.37
C LYS A 164 26.73 1.25 -0.46
N HIS A 165 26.46 0.39 0.54
CA HIS A 165 26.97 -0.97 0.63
C HIS A 165 26.33 -1.93 -0.39
N LEU A 166 25.13 -1.59 -0.93
CA LEU A 166 24.45 -2.42 -1.92
C LEU A 166 25.25 -2.46 -3.23
N PRO A 167 25.27 -3.63 -3.91
CA PRO A 167 26.10 -3.74 -5.12
C PRO A 167 25.61 -2.98 -6.35
N GLU A 168 24.29 -2.78 -6.51
CA GLU A 168 23.77 -2.09 -7.68
C GLU A 168 22.80 -0.96 -7.33
N LYS A 169 22.63 0.01 -8.25
CA LYS A 169 21.76 1.16 -8.03
C LYS A 169 20.28 0.80 -7.97
N TYR A 170 19.83 -0.18 -8.78
CA TYR A 170 18.41 -0.57 -8.78
C TYR A 170 17.92 -1.07 -7.42
N MET A 171 18.82 -1.69 -6.67
CA MET A 171 18.56 -2.26 -5.35
C MET A 171 18.30 -1.14 -4.36
N MET A 172 19.11 -0.06 -4.43
CA MET A 172 19.01 1.11 -3.58
C MET A 172 17.69 1.82 -3.80
N ASN A 173 17.27 1.93 -5.07
CA ASN A 173 15.99 2.54 -5.41
C ASN A 173 14.82 1.76 -4.83
N SER A 174 14.94 0.41 -4.79
CA SER A 174 13.92 -0.47 -4.23
C SER A 174 13.78 -0.28 -2.73
N VAL A 175 14.90 -0.12 -2.03
CA VAL A 175 14.88 0.10 -0.59
C VAL A 175 14.28 1.49 -0.32
N LEU A 176 14.75 2.53 -1.04
CA LEU A 176 14.25 3.91 -0.91
C LEU A 176 12.76 4.08 -1.20
N GLU A 177 12.14 3.06 -1.80
CA GLU A 177 10.72 2.99 -2.12
C GLU A 177 9.85 3.02 -0.83
N ASN A 178 10.38 2.48 0.29
CA ASN A 178 9.67 2.50 1.57
C ASN A 178 10.29 3.51 2.56
N PHE A 179 11.09 4.43 2.06
CA PHE A 179 11.76 5.44 2.85
C PHE A 179 11.27 6.82 2.45
N THR A 180 10.76 7.54 3.44
CA THR A 180 10.26 8.89 3.25
C THR A 180 10.68 9.80 4.40
N ILE A 181 10.72 11.10 4.16
CA ILE A 181 10.96 12.07 5.22
C ILE A 181 9.81 13.08 5.17
N LEU A 182 9.28 13.46 6.33
CA LEU A 182 8.22 14.46 6.38
C LEU A 182 8.73 15.63 7.17
N LEU A 183 8.80 16.78 6.53
CA LEU A 183 9.29 17.97 7.17
C LEU A 183 8.14 18.96 7.43
N VAL A 184 7.86 19.27 8.70
CA VAL A 184 6.79 20.22 9.03
C VAL A 184 7.37 21.42 9.81
N VAL A 185 7.21 22.63 9.28
CA VAL A 185 7.68 23.85 9.93
C VAL A 185 6.43 24.57 10.47
N THR A 186 6.38 24.83 11.79
CA THR A 186 5.19 25.36 12.48
C THR A 186 5.45 26.63 13.28
N ASN A 187 4.44 27.54 13.38
CA ASN A 187 4.52 28.73 14.22
C ASN A 187 4.44 28.21 15.66
N ARG A 188 5.50 28.37 16.46
CA ARG A 188 5.51 27.81 17.82
C ARG A 188 4.39 28.35 18.72
N ASP A 189 4.13 29.66 18.63
CA ASP A 189 3.07 30.30 19.39
C ASP A 189 1.66 29.89 18.88
N THR A 190 1.40 30.03 17.56
CA THR A 190 0.11 29.78 16.91
C THR A 190 -0.26 28.30 16.70
N GLN A 191 0.76 27.43 16.57
CA GLN A 191 0.62 26.01 16.24
C GLN A 191 0.06 25.81 14.79
N GLU A 192 0.24 26.84 13.94
CA GLU A 192 -0.21 26.87 12.56
C GLU A 192 0.90 26.34 11.68
N THR A 193 0.56 25.48 10.70
CA THR A 193 1.55 24.97 9.77
C THR A 193 1.99 26.08 8.80
N LEU A 194 3.30 26.40 8.83
CA LEU A 194 3.89 27.37 7.95
C LEU A 194 4.33 26.73 6.65
N LEU A 195 4.87 25.51 6.71
CA LEU A 195 5.36 24.78 5.54
C LEU A 195 5.44 23.27 5.79
N CYS A 196 5.00 22.46 4.83
CA CYS A 196 5.11 21.02 4.95
C CYS A 196 5.67 20.44 3.66
N MET A 197 6.75 19.66 3.78
CA MET A 197 7.35 19.02 2.63
C MET A 197 7.47 17.52 2.82
N ALA A 198 6.80 16.78 1.97
CA ALA A 198 6.81 15.32 2.00
C ALA A 198 7.89 14.93 1.01
N CYS A 199 8.93 14.25 1.45
CA CYS A 199 10.08 13.92 0.60
C CYS A 199 10.16 12.46 0.25
N VAL A 200 10.31 12.23 -1.03
CA VAL A 200 10.42 10.91 -1.65
C VAL A 200 11.83 10.84 -2.31
N PHE A 201 12.50 9.67 -2.25
CA PHE A 201 13.87 9.55 -2.78
C PHE A 201 14.13 8.43 -3.76
N GLU A 202 15.01 8.69 -4.71
CA GLU A 202 15.62 7.78 -5.67
C GLU A 202 17.12 8.12 -5.67
N VAL A 203 17.95 7.23 -6.19
CA VAL A 203 19.39 7.42 -6.28
C VAL A 203 19.67 8.07 -7.63
N SER A 204 20.47 9.13 -7.63
CA SER A 204 20.80 9.83 -8.86
C SER A 204 21.70 8.97 -9.72
N ASN A 205 21.60 9.14 -11.02
CA ASN A 205 22.42 8.42 -11.97
C ASN A 205 22.94 9.39 -13.06
N SER A 206 23.24 10.65 -12.65
CA SER A 206 23.68 11.70 -13.56
C SER A 206 25.08 12.16 -13.26
N GLU A 207 25.79 12.67 -14.28
CA GLU A 207 27.11 13.24 -14.11
C GLU A 207 27.05 14.53 -13.27
N HIS A 208 25.93 15.32 -13.36
CA HIS A 208 25.77 16.55 -12.56
C HIS A 208 25.31 16.30 -11.08
N GLY A 209 25.12 15.02 -10.74
CA GLY A 209 24.79 14.57 -9.41
C GLY A 209 23.34 14.67 -8.99
N ALA A 210 23.12 15.24 -7.80
CA ALA A 210 21.82 15.36 -7.18
C ALA A 210 20.86 16.22 -7.92
N GLN A 211 19.67 15.70 -8.17
CA GLN A 211 18.58 16.43 -8.83
C GLN A 211 17.32 16.38 -7.98
N HIS A 212 16.33 17.21 -8.29
CA HIS A 212 15.09 17.24 -7.56
C HIS A 212 13.94 17.84 -8.36
N HIS A 213 12.68 17.48 -7.99
CA HIS A 213 11.49 18.05 -8.60
C HIS A 213 10.51 18.38 -7.48
N ILE A 214 9.87 19.55 -7.54
CA ILE A 214 8.94 19.97 -6.47
C ILE A 214 7.54 20.08 -7.00
N TYR A 215 6.56 19.60 -6.21
CA TYR A 215 5.18 19.60 -6.63
C TYR A 215 4.30 20.19 -5.57
N ARG A 216 3.18 20.81 -5.98
CA ARG A 216 2.19 21.30 -5.04
C ARG A 216 1.25 20.13 -4.70
N LEU A 217 0.94 19.92 -3.41
CA LEU A 217 0.04 18.86 -2.99
C LEU A 217 -1.39 19.39 -2.96
N VAL A 218 -2.27 18.73 -3.69
CA VAL A 218 -3.65 19.19 -3.81
C VAL A 218 -4.67 18.14 -3.37
N LYS A 219 -5.90 18.60 -3.02
CA LYS A 219 -6.97 17.73 -2.54
C LYS A 219 -7.47 16.72 -3.55
N ASP A 220 -7.75 17.17 -4.79
CA ASP A 220 -8.26 16.26 -5.83
C ASP A 220 -7.34 16.20 -7.06
N GLY B 1 22.27 25.76 17.74
CA GLY B 1 22.01 25.36 19.12
C GLY B 1 21.76 23.88 19.33
N HIS B 2 21.23 23.50 20.50
CA HIS B 2 20.96 22.10 20.82
C HIS B 2 19.62 21.64 20.20
N GLN B 3 19.53 20.37 19.78
CA GLN B 3 18.32 19.83 19.17
C GLN B 3 17.75 18.67 19.98
N ILE B 4 16.45 18.41 19.83
CA ILE B 4 15.84 17.29 20.55
C ILE B 4 15.35 16.24 19.55
N VAL B 5 15.77 14.99 19.73
CA VAL B 5 15.49 13.87 18.83
C VAL B 5 14.69 12.77 19.51
N HIS B 6 13.57 12.33 18.93
CA HIS B 6 12.76 11.26 19.53
C HIS B 6 12.89 9.94 18.76
N VAL B 7 13.99 9.21 18.96
CA VAL B 7 14.24 7.93 18.30
C VAL B 7 13.34 6.80 18.87
N ARG B 8 13.01 5.79 18.04
CA ARG B 8 12.21 4.62 18.44
C ARG B 8 13.13 3.56 19.10
N GLY B 9 12.56 2.70 19.93
CA GLY B 9 13.32 1.67 20.63
C GLY B 9 13.90 0.58 19.73
N ASP B 10 13.21 0.27 18.63
CA ASP B 10 13.62 -0.76 17.68
C ASP B 10 14.20 -0.19 16.39
N SER B 11 14.86 0.98 16.47
CA SER B 11 15.45 1.65 15.31
C SER B 11 16.35 0.76 14.47
N GLU B 12 17.31 0.07 15.10
CA GLU B 12 18.25 -0.83 14.43
C GLU B 12 17.53 -1.94 13.69
N THR B 13 16.46 -2.46 14.30
CA THR B 13 15.66 -3.53 13.75
C THR B 13 14.81 -3.03 12.58
N ASP B 14 14.27 -1.82 12.69
CA ASP B 14 13.46 -1.18 11.64
C ASP B 14 14.33 -0.87 10.42
N LEU B 15 15.57 -0.42 10.65
CA LEU B 15 16.49 -0.11 9.56
C LEU B 15 16.87 -1.40 8.83
N GLU B 16 17.16 -2.47 9.58
CA GLU B 16 17.49 -3.76 9.00
C GLU B 16 16.31 -4.35 8.22
N ALA B 17 15.07 -4.09 8.69
CA ALA B 17 13.86 -4.56 8.00
C ALA B 17 13.62 -3.79 6.71
N LEU B 18 13.99 -2.51 6.67
CA LEU B 18 13.87 -1.65 5.49
C LEU B 18 14.71 -2.21 4.33
N PHE B 19 15.87 -2.83 4.64
CA PHE B 19 16.75 -3.42 3.65
C PHE B 19 16.35 -4.85 3.37
N ASN B 20 16.04 -5.62 4.42
CA ASN B 20 15.67 -7.02 4.26
C ASN B 20 14.39 -7.25 3.47
N ALA B 21 13.56 -6.21 3.31
CA ALA B 21 12.35 -6.30 2.51
C ALA B 21 12.72 -6.58 1.04
N VAL B 22 13.81 -5.93 0.56
CA VAL B 22 14.33 -6.04 -0.80
C VAL B 22 15.29 -7.25 -0.93
N MET B 23 16.07 -7.52 0.13
CA MET B 23 17.00 -8.64 0.12
C MET B 23 16.32 -10.02 0.21
N ASN B 24 15.20 -10.12 0.94
CA ASN B 24 14.42 -11.36 1.08
C ASN B 24 12.91 -11.06 1.01
N PRO B 25 12.34 -10.91 -0.19
CA PRO B 25 10.90 -10.57 -0.29
C PRO B 25 9.93 -11.63 0.21
N LYS B 26 10.25 -12.91 0.02
CA LYS B 26 9.40 -14.00 0.52
C LYS B 26 9.58 -14.23 2.04
N THR B 27 10.72 -13.75 2.62
CA THR B 27 11.12 -13.91 4.02
C THR B 27 10.64 -12.76 4.92
N ALA B 28 11.03 -11.51 4.63
CA ALA B 28 10.64 -10.38 5.47
C ALA B 28 9.14 -10.10 5.40
N ASN B 29 8.48 -10.06 6.56
CA ASN B 29 7.05 -9.77 6.61
C ASN B 29 6.88 -8.25 6.78
N VAL B 30 7.13 -7.51 5.69
CA VAL B 30 7.02 -6.06 5.67
C VAL B 30 5.70 -5.66 4.98
N PRO B 31 5.18 -4.44 5.26
CA PRO B 31 3.94 -4.02 4.59
C PRO B 31 4.15 -3.87 3.09
N GLN B 32 3.16 -4.32 2.30
CA GLN B 32 3.19 -4.23 0.84
C GLN B 32 2.38 -3.01 0.38
N THR B 33 2.82 -2.34 -0.70
CA THR B 33 2.10 -1.18 -1.26
C THR B 33 2.32 -1.05 -2.78
N VAL B 34 1.49 -0.22 -3.46
CA VAL B 34 1.63 0.01 -4.89
C VAL B 34 2.98 0.69 -5.18
N PRO B 35 3.78 0.09 -6.09
CA PRO B 35 5.05 0.73 -6.47
C PRO B 35 4.82 2.13 -7.01
N MET B 36 5.65 3.08 -6.60
CA MET B 36 5.58 4.48 -6.99
C MET B 36 5.42 4.69 -8.50
N ARG B 37 6.14 3.89 -9.30
CA ARG B 37 6.09 3.97 -10.76
C ARG B 37 4.72 3.67 -11.32
N LEU B 38 3.98 2.78 -10.66
CA LEU B 38 2.65 2.41 -11.09
C LEU B 38 1.52 3.30 -10.59
N ARG B 39 1.84 4.32 -9.79
CA ARG B 39 0.86 5.26 -9.27
C ARG B 39 0.58 6.41 -10.23
N LYS B 40 -0.53 7.12 -10.02
CA LYS B 40 -0.91 8.24 -10.86
C LYS B 40 -0.14 9.50 -10.42
N LEU B 41 1.14 9.56 -10.81
CA LEU B 41 2.05 10.67 -10.53
C LEU B 41 2.48 11.30 -11.88
N PRO B 42 2.88 12.59 -11.90
CA PRO B 42 3.30 13.19 -13.18
C PRO B 42 4.44 12.44 -13.84
N ASP B 43 4.51 12.46 -15.19
CA ASP B 43 5.59 11.81 -15.93
C ASP B 43 6.97 12.29 -15.46
N SER B 44 7.06 13.58 -15.07
CA SER B 44 8.29 14.17 -14.54
C SER B 44 8.78 13.57 -13.23
N PHE B 45 7.94 12.80 -12.52
CA PHE B 45 8.34 12.21 -11.25
C PHE B 45 9.49 11.20 -11.40
N PHE B 46 9.66 10.61 -12.59
CA PHE B 46 10.70 9.62 -12.81
C PHE B 46 11.68 9.99 -13.90
N LYS B 47 11.54 11.17 -14.50
CA LYS B 47 12.47 11.70 -15.50
C LYS B 47 13.15 12.90 -14.82
N PRO B 48 14.36 12.68 -14.27
CA PRO B 48 15.05 13.77 -13.55
C PRO B 48 15.35 14.94 -14.43
N PRO B 49 15.45 16.15 -13.85
CA PRO B 49 15.79 17.34 -14.65
C PRO B 49 17.14 17.19 -15.39
N GLU B 50 17.20 17.64 -16.63
CA GLU B 50 18.41 17.53 -17.43
C GLU B 50 19.16 18.86 -17.53
N SER C 4 -15.91 -15.85 -19.71
CA SER C 4 -15.87 -16.94 -18.73
C SER C 4 -14.46 -17.15 -18.10
N ILE C 5 -14.41 -17.85 -16.96
CA ILE C 5 -13.13 -18.11 -16.31
C ILE C 5 -12.72 -19.52 -16.62
N GLY C 6 -11.60 -19.67 -17.29
CA GLY C 6 -11.11 -20.99 -17.64
C GLY C 6 -10.06 -21.01 -18.72
N THR C 7 -9.30 -22.09 -18.70
CA THR C 7 -8.27 -22.44 -19.67
C THR C 7 -8.78 -23.70 -20.39
N THR C 8 -8.04 -24.22 -21.39
CA THR C 8 -8.46 -25.47 -22.03
C THR C 8 -8.28 -26.65 -21.04
N LYS C 9 -7.53 -26.47 -19.90
CA LYS C 9 -7.29 -27.48 -18.89
C LYS C 9 -8.36 -27.55 -17.80
N LEU C 10 -8.98 -26.41 -17.46
CA LEU C 10 -10.03 -26.39 -16.43
C LEU C 10 -10.91 -25.15 -16.61
N ARG C 11 -12.24 -25.29 -16.44
CA ARG C 11 -13.24 -24.22 -16.60
C ARG C 11 -14.08 -24.04 -15.35
N LEU C 12 -14.25 -22.80 -14.88
CA LEU C 12 -15.18 -22.54 -13.80
C LEU C 12 -16.53 -22.46 -14.45
N VAL C 13 -17.42 -23.34 -14.06
CA VAL C 13 -18.76 -23.42 -14.61
C VAL C 13 -19.76 -22.70 -13.72
N GLU C 14 -19.55 -22.78 -12.41
CA GLU C 14 -20.45 -22.16 -11.47
C GLU C 14 -19.78 -21.88 -10.18
N PHE C 15 -20.16 -20.77 -9.58
CA PHE C 15 -19.73 -20.40 -8.24
C PHE C 15 -20.92 -19.66 -7.62
N SER C 16 -21.15 -19.85 -6.33
CA SER C 16 -22.20 -19.12 -5.62
C SER C 16 -21.99 -19.23 -4.14
N ALA C 17 -21.99 -18.10 -3.46
CA ALA C 17 -21.89 -18.08 -2.01
C ALA C 17 -23.30 -17.72 -1.56
N PHE C 18 -23.86 -18.51 -0.64
CA PHE C 18 -25.25 -18.35 -0.26
C PHE C 18 -25.55 -18.48 1.24
N LEU C 19 -26.79 -18.09 1.60
CA LEU C 19 -27.37 -18.25 2.93
C LEU C 19 -28.72 -18.97 2.77
N GLU C 20 -28.81 -20.20 3.32
CA GLU C 20 -30.02 -21.01 3.32
C GLU C 20 -30.71 -20.84 4.66
N GLN C 21 -32.03 -20.68 4.66
CA GLN C 21 -32.80 -20.56 5.89
C GLN C 21 -34.03 -21.46 5.85
N GLN C 22 -34.26 -22.20 6.91
CA GLN C 22 -35.37 -23.13 6.99
C GLN C 22 -36.26 -22.72 8.17
N ARG C 23 -37.19 -21.76 7.95
CA ARG C 23 -38.11 -21.26 8.99
C ARG C 23 -38.85 -22.42 9.72
N ASP C 24 -39.27 -23.43 8.96
CA ASP C 24 -39.96 -24.62 9.48
C ASP C 24 -39.84 -25.78 8.43
N PRO C 25 -40.30 -27.00 8.72
CA PRO C 25 -40.15 -28.10 7.74
C PRO C 25 -40.82 -27.89 6.38
N ASP C 26 -41.67 -26.87 6.24
CA ASP C 26 -42.39 -26.59 5.00
C ASP C 26 -41.85 -25.34 4.29
N SER C 27 -40.96 -24.57 4.92
CA SER C 27 -40.44 -23.34 4.31
C SER C 27 -38.94 -23.38 4.14
N TYR C 28 -38.47 -23.11 2.92
CA TYR C 28 -37.06 -23.08 2.58
C TYR C 28 -36.75 -21.78 1.84
N ASN C 29 -35.61 -21.17 2.14
CA ASN C 29 -35.20 -19.96 1.48
C ASN C 29 -33.73 -20.00 1.16
N LYS C 30 -33.32 -19.48 0.00
CA LYS C 30 -31.90 -19.39 -0.33
C LYS C 30 -31.55 -18.00 -0.87
N HIS C 31 -30.54 -17.35 -0.29
CA HIS C 31 -30.14 -16.02 -0.74
C HIS C 31 -28.71 -16.08 -1.27
N LEU C 32 -28.47 -15.57 -2.48
CA LEU C 32 -27.11 -15.53 -3.02
C LEU C 32 -26.48 -14.18 -2.76
N PHE C 33 -25.26 -14.19 -2.22
CA PHE C 33 -24.49 -12.98 -1.98
C PHE C 33 -23.74 -12.66 -3.28
N VAL C 34 -23.09 -13.65 -3.88
CA VAL C 34 -22.35 -13.53 -5.14
C VAL C 34 -22.58 -14.84 -5.93
N HIS C 35 -22.47 -14.76 -7.25
CA HIS C 35 -22.60 -15.91 -8.13
C HIS C 35 -21.90 -15.68 -9.48
N ILE C 36 -21.52 -16.75 -10.16
CA ILE C 36 -20.89 -16.75 -11.48
C ILE C 36 -21.44 -17.99 -12.18
N GLY C 37 -21.87 -17.83 -13.43
CA GLY C 37 -22.36 -18.93 -14.25
C GLY C 37 -23.85 -19.19 -14.12
N HIS C 38 -24.60 -18.13 -13.79
CA HIS C 38 -26.06 -18.20 -13.58
C HIS C 38 -26.89 -17.56 -14.72
N PRO C 46 -17.51 -10.40 -25.14
CA PRO C 46 -16.92 -11.75 -25.08
C PRO C 46 -15.43 -11.75 -24.75
N LEU C 47 -14.71 -10.67 -25.12
CA LEU C 47 -13.27 -10.49 -24.88
C LEU C 47 -13.07 -9.76 -23.56
N LEU C 48 -12.39 -10.42 -22.60
CA LEU C 48 -12.17 -9.88 -21.28
C LEU C 48 -11.19 -8.71 -21.27
N GLU C 49 -11.51 -7.68 -20.47
CA GLU C 49 -10.63 -6.55 -20.22
C GLU C 49 -9.42 -7.06 -19.41
N SER C 50 -8.28 -6.40 -19.54
CA SER C 50 -7.07 -6.80 -18.83
C SER C 50 -6.75 -5.88 -17.68
N VAL C 51 -6.12 -6.43 -16.64
CA VAL C 51 -5.65 -5.64 -15.51
C VAL C 51 -4.18 -5.96 -15.26
N ASP C 52 -3.34 -4.93 -15.01
CA ASP C 52 -1.93 -5.14 -14.70
C ASP C 52 -1.90 -5.73 -13.30
N ILE C 53 -1.46 -6.99 -13.16
CA ILE C 53 -1.45 -7.65 -11.85
C ILE C 53 -0.66 -6.85 -10.80
N ARG C 54 0.34 -6.09 -11.23
CA ARG C 54 1.14 -5.29 -10.32
C ARG C 54 0.31 -4.25 -9.55
N GLN C 55 -0.90 -3.89 -10.06
CA GLN C 55 -1.78 -2.94 -9.38
C GLN C 55 -2.50 -3.56 -8.17
N ILE C 56 -2.53 -4.90 -8.05
CA ILE C 56 -3.23 -5.58 -6.94
C ILE C 56 -2.36 -6.50 -6.09
N TYR C 57 -1.08 -6.65 -6.43
CA TYR C 57 -0.16 -7.54 -5.70
C TYR C 57 -0.17 -7.33 -4.19
N ASP C 58 -0.25 -6.07 -3.75
CA ASP C 58 -0.24 -5.69 -2.33
C ASP C 58 -1.48 -6.13 -1.55
N LYS C 59 -2.60 -6.41 -2.26
CA LYS C 59 -3.86 -6.84 -1.66
C LYS C 59 -3.95 -8.35 -1.39
N PHE C 60 -2.91 -9.11 -1.79
CA PHE C 60 -2.83 -10.56 -1.66
C PHE C 60 -1.50 -10.99 -0.98
N PRO C 61 -1.44 -12.22 -0.43
CA PRO C 61 -0.21 -12.65 0.27
C PRO C 61 0.99 -12.76 -0.67
N GLU C 62 2.17 -12.26 -0.26
CA GLU C 62 3.33 -12.29 -1.13
C GLU C 62 4.56 -12.98 -0.54
N LYS C 63 4.32 -14.00 0.28
CA LYS C 63 5.40 -14.78 0.85
C LYS C 63 5.54 -16.09 0.01
N LYS C 64 5.98 -17.24 0.61
CA LYS C 64 6.08 -18.50 -0.10
C LYS C 64 4.66 -18.98 -0.53
N GLY C 65 4.51 -19.21 -1.83
CA GLY C 65 3.24 -19.63 -2.41
C GLY C 65 2.31 -18.47 -2.73
N GLY C 66 2.85 -17.24 -2.68
CA GLY C 66 2.09 -16.03 -2.91
C GLY C 66 1.68 -15.80 -4.36
N LEU C 67 0.74 -14.86 -4.58
CA LEU C 67 0.23 -14.48 -5.89
C LEU C 67 1.34 -14.18 -6.90
N LYS C 68 2.34 -13.39 -6.50
CA LYS C 68 3.48 -13.00 -7.35
C LYS C 68 4.32 -14.19 -7.82
N GLU C 69 4.65 -15.09 -6.87
CA GLU C 69 5.42 -16.29 -7.17
C GLU C 69 4.64 -17.18 -8.12
N LEU C 70 3.36 -17.41 -7.81
CA LEU C 70 2.45 -18.24 -8.58
C LEU C 70 2.29 -17.74 -10.00
N PHE C 71 2.13 -16.42 -10.14
CA PHE C 71 1.94 -15.80 -11.43
C PHE C 71 3.21 -15.92 -12.26
N GLY C 72 4.37 -15.72 -11.63
CA GLY C 72 5.69 -15.82 -12.26
C GLY C 72 5.99 -17.21 -12.80
N LYS C 73 5.51 -18.23 -12.07
CA LYS C 73 5.59 -19.65 -12.42
C LYS C 73 4.53 -19.95 -13.53
N GLY C 74 3.38 -19.31 -13.45
CA GLY C 74 2.29 -19.45 -14.42
C GLY C 74 1.52 -20.77 -14.35
N PRO C 75 0.79 -21.12 -15.45
CA PRO C 75 0.61 -20.38 -16.72
C PRO C 75 -0.15 -19.08 -16.50
N GLN C 76 0.25 -17.98 -17.15
CA GLN C 76 -0.37 -16.68 -16.89
C GLN C 76 -1.82 -16.54 -17.41
N ASN C 77 -2.28 -17.42 -18.37
CA ASN C 77 -3.70 -17.36 -18.80
C ASN C 77 -4.65 -17.87 -17.73
N ALA C 78 -4.15 -18.61 -16.73
CA ALA C 78 -5.00 -19.13 -15.64
C ALA C 78 -5.31 -18.06 -14.58
N PHE C 79 -4.79 -16.83 -14.72
CA PHE C 79 -4.96 -15.80 -13.73
C PHE C 79 -6.02 -14.79 -14.09
N PHE C 80 -6.96 -14.63 -13.17
CA PHE C 80 -8.11 -13.76 -13.33
C PHE C 80 -8.30 -12.93 -12.08
N LEU C 81 -8.84 -11.72 -12.26
CA LEU C 81 -9.21 -10.84 -11.17
C LEU C 81 -10.71 -10.67 -11.31
N VAL C 82 -11.48 -10.99 -10.27
CA VAL C 82 -12.93 -10.85 -10.29
C VAL C 82 -13.36 -9.74 -9.35
N LYS C 83 -14.11 -8.78 -9.87
CA LYS C 83 -14.67 -7.70 -9.06
C LYS C 83 -16.13 -8.09 -8.77
N PHE C 84 -16.51 -8.19 -7.49
CA PHE C 84 -17.87 -8.56 -7.12
C PHE C 84 -18.59 -7.42 -6.45
N TRP C 85 -19.90 -7.34 -6.69
CA TRP C 85 -20.80 -6.42 -6.03
C TRP C 85 -21.77 -7.37 -5.32
N ALA C 86 -21.49 -7.68 -4.05
CA ALA C 86 -22.21 -8.62 -3.22
C ALA C 86 -23.55 -8.12 -2.75
N ASP C 87 -24.60 -8.97 -2.90
CA ASP C 87 -25.95 -8.70 -2.47
C ASP C 87 -26.08 -9.01 -1.00
N LEU C 88 -26.22 -7.96 -0.18
CA LEU C 88 -26.37 -8.12 1.27
C LEU C 88 -27.82 -7.88 1.75
N ASN C 89 -28.79 -7.78 0.84
CA ASN C 89 -30.19 -7.59 1.20
C ASN C 89 -30.82 -8.95 1.53
N CYS C 90 -30.68 -9.37 2.79
CA CYS C 90 -31.19 -10.63 3.27
C CYS C 90 -31.53 -10.53 4.77
N ASN C 91 -32.52 -11.31 5.24
CA ASN C 91 -32.87 -11.28 6.66
C ASN C 91 -32.12 -12.34 7.46
N GLY C 97 -33.51 -21.94 11.12
CA GLY C 97 -32.14 -22.43 11.10
C GLY C 97 -31.43 -22.03 9.83
N ALA C 98 -30.14 -21.66 9.93
CA ALA C 98 -29.40 -21.19 8.76
C ALA C 98 -28.10 -21.95 8.40
N PHE C 99 -27.79 -22.01 7.09
CA PHE C 99 -26.55 -22.57 6.56
C PHE C 99 -25.87 -21.58 5.61
N TYR C 100 -24.60 -21.22 5.87
CA TYR C 100 -23.86 -20.33 5.00
C TYR C 100 -22.94 -21.21 4.21
N GLY C 101 -23.13 -21.30 2.91
CA GLY C 101 -22.33 -22.19 2.09
C GLY C 101 -21.79 -21.63 0.79
N VAL C 102 -20.90 -22.41 0.18
CA VAL C 102 -20.30 -22.08 -1.09
C VAL C 102 -20.44 -23.30 -2.02
N THR C 103 -20.97 -23.10 -3.22
CA THR C 103 -21.09 -24.17 -4.21
C THR C 103 -20.28 -23.75 -5.42
N SER C 104 -19.41 -24.64 -5.89
CA SER C 104 -18.61 -24.38 -7.08
C SER C 104 -18.57 -25.61 -7.98
N GLN C 105 -18.27 -25.41 -9.26
CA GLN C 105 -18.18 -26.51 -10.20
C GLN C 105 -17.19 -26.22 -11.29
N TYR C 106 -16.22 -27.10 -11.48
CA TYR C 106 -15.21 -27.00 -12.53
C TYR C 106 -15.39 -28.14 -13.56
N GLU C 107 -14.76 -28.02 -14.73
CA GLU C 107 -14.89 -29.05 -15.76
C GLU C 107 -13.61 -29.24 -16.54
N SER C 108 -13.44 -30.42 -17.17
CA SER C 108 -12.25 -30.69 -17.97
C SER C 108 -12.40 -31.98 -18.75
N SER C 109 -11.86 -32.05 -19.95
CA SER C 109 -11.83 -33.31 -20.68
C SER C 109 -10.70 -34.24 -20.08
N GLU C 110 -9.91 -33.76 -19.10
CA GLU C 110 -8.85 -34.50 -18.45
C GLU C 110 -9.25 -34.94 -17.03
N ASN C 111 -8.87 -36.18 -16.66
CA ASN C 111 -9.14 -36.75 -15.35
C ASN C 111 -7.95 -36.47 -14.43
N MET C 112 -8.14 -35.61 -13.43
CA MET C 112 -7.09 -35.17 -12.52
C MET C 112 -7.57 -35.15 -11.06
N THR C 113 -6.64 -34.91 -10.10
CA THR C 113 -7.02 -34.70 -8.71
C THR C 113 -6.78 -33.20 -8.54
N VAL C 114 -7.86 -32.41 -8.35
CA VAL C 114 -7.71 -30.96 -8.20
C VAL C 114 -7.81 -30.54 -6.74
N THR C 115 -6.99 -29.57 -6.34
CA THR C 115 -6.98 -29.06 -4.98
C THR C 115 -7.45 -27.61 -5.03
N CYS C 116 -8.54 -27.26 -4.31
CA CYS C 116 -9.05 -25.89 -4.28
C CYS C 116 -8.67 -25.17 -3.03
N SER C 117 -7.77 -24.19 -3.14
CA SER C 117 -7.38 -23.38 -2.01
C SER C 117 -8.17 -22.08 -2.04
N THR C 118 -8.80 -21.70 -0.93
CA THR C 118 -9.51 -20.44 -0.83
C THR C 118 -8.89 -19.72 0.33
N LYS C 119 -8.20 -18.59 0.09
CA LYS C 119 -7.55 -17.86 1.19
C LYS C 119 -8.28 -16.58 1.47
N VAL C 120 -8.81 -16.43 2.67
CA VAL C 120 -9.49 -15.21 3.09
C VAL C 120 -8.40 -14.28 3.54
N CYS C 121 -8.25 -13.12 2.90
CA CYS C 121 -7.19 -12.17 3.21
C CYS C 121 -7.70 -10.87 3.77
N SER C 122 -7.04 -10.38 4.80
CA SER C 122 -7.35 -9.11 5.42
C SER C 122 -6.06 -8.31 5.40
N PHE C 123 -6.10 -7.11 4.78
CA PHE C 123 -4.94 -6.25 4.56
C PHE C 123 -3.84 -6.94 3.75
N GLY C 124 -4.24 -7.84 2.86
CA GLY C 124 -3.29 -8.60 2.04
C GLY C 124 -2.68 -9.79 2.74
N LYS C 125 -3.01 -10.01 4.02
CA LYS C 125 -2.44 -11.13 4.77
C LYS C 125 -3.49 -12.18 4.98
N GLN C 126 -3.09 -13.44 4.74
CA GLN C 126 -3.97 -14.59 4.89
C GLN C 126 -4.42 -14.73 6.32
N VAL C 127 -5.70 -15.01 6.54
CA VAL C 127 -6.24 -15.22 7.88
C VAL C 127 -6.78 -16.66 7.94
N VAL C 128 -7.54 -17.07 6.90
CA VAL C 128 -8.10 -18.43 6.83
C VAL C 128 -7.68 -19.10 5.50
N GLU C 129 -7.61 -20.42 5.46
CA GLU C 129 -7.37 -21.15 4.21
C GLU C 129 -8.21 -22.41 4.17
N LYS C 130 -9.20 -22.43 3.30
CA LYS C 130 -10.00 -23.64 3.11
C LYS C 130 -9.30 -24.42 1.99
N VAL C 131 -9.07 -25.72 2.18
CA VAL C 131 -8.39 -26.53 1.17
C VAL C 131 -9.26 -27.73 0.86
N GLU C 132 -9.76 -27.84 -0.38
CA GLU C 132 -10.63 -28.95 -0.74
C GLU C 132 -10.12 -29.78 -1.90
N THR C 133 -9.78 -31.05 -1.63
CA THR C 133 -9.32 -31.96 -2.66
C THR C 133 -10.54 -32.59 -3.31
N GLU C 134 -10.61 -32.60 -4.65
CA GLU C 134 -11.74 -33.21 -5.33
C GLU C 134 -11.30 -34.09 -6.54
N TYR C 135 -11.94 -35.24 -6.70
CA TYR C 135 -11.72 -36.16 -7.81
C TYR C 135 -12.87 -36.01 -8.84
N ALA C 136 -12.58 -36.32 -10.11
CA ALA C 136 -13.52 -36.18 -11.22
C ALA C 136 -14.70 -37.13 -11.20
N ARG C 137 -15.81 -36.68 -11.74
CA ARG C 137 -17.01 -37.46 -11.87
C ARG C 137 -17.42 -37.26 -13.32
N PHE C 138 -17.33 -38.30 -14.15
CA PHE C 138 -17.65 -38.18 -15.57
C PHE C 138 -19.14 -37.98 -15.86
N GLU C 139 -19.54 -36.76 -16.19
CA GLU C 139 -20.92 -36.45 -16.54
C GLU C 139 -20.93 -35.72 -17.86
N ASN C 140 -21.82 -36.13 -18.76
CA ASN C 140 -22.06 -35.49 -20.06
C ASN C 140 -20.79 -35.25 -20.90
N GLY C 141 -20.05 -36.33 -21.17
CA GLY C 141 -18.85 -36.24 -22.01
C GLY C 141 -17.61 -35.56 -21.43
N ARG C 142 -17.70 -35.08 -20.17
CA ARG C 142 -16.58 -34.39 -19.52
C ARG C 142 -16.38 -34.84 -18.04
N PHE C 143 -15.26 -34.45 -17.42
CA PHE C 143 -15.02 -34.74 -16.03
C PHE C 143 -15.44 -33.53 -15.23
N VAL C 144 -16.36 -33.72 -14.29
CA VAL C 144 -16.91 -32.64 -13.48
C VAL C 144 -16.30 -32.69 -12.07
N TYR C 145 -15.86 -31.52 -11.54
CA TYR C 145 -15.28 -31.41 -10.20
C TYR C 145 -16.19 -30.47 -9.39
N ARG C 146 -17.20 -31.05 -8.75
CA ARG C 146 -18.22 -30.29 -8.04
C ARG C 146 -17.98 -30.20 -6.55
N ILE C 147 -18.13 -29.01 -5.96
CA ILE C 147 -18.04 -28.80 -4.52
C ILE C 147 -19.41 -28.27 -4.13
N ASN C 148 -20.32 -29.11 -3.63
CA ASN C 148 -21.66 -28.66 -3.25
C ASN C 148 -21.73 -28.35 -1.78
N ARG C 149 -22.41 -27.26 -1.45
CA ARG C 149 -22.67 -26.80 -0.10
C ARG C 149 -21.46 -26.92 0.86
N SER C 150 -20.35 -26.26 0.49
CA SER C 150 -19.15 -26.24 1.32
C SER C 150 -19.39 -25.23 2.41
N PRO C 151 -19.36 -25.64 3.68
CA PRO C 151 -19.58 -24.68 4.77
C PRO C 151 -18.66 -23.47 4.73
N MET C 152 -19.23 -22.29 4.97
CA MET C 152 -18.44 -21.08 5.06
C MET C 152 -17.74 -21.14 6.42
N CYS C 153 -16.53 -20.58 6.50
CA CYS C 153 -15.80 -20.56 7.76
C CYS C 153 -16.42 -19.54 8.73
N GLU C 154 -16.16 -19.71 10.03
CA GLU C 154 -16.69 -18.80 11.02
C GLU C 154 -16.26 -17.35 10.76
N TYR C 155 -15.05 -17.17 10.24
CA TYR C 155 -14.56 -15.82 9.93
C TYR C 155 -15.50 -15.18 8.91
N MET C 156 -15.82 -15.91 7.83
CA MET C 156 -16.71 -15.38 6.80
C MET C 156 -18.12 -15.14 7.30
N ILE C 157 -18.66 -16.05 8.14
CA ILE C 157 -20.02 -15.91 8.68
C ILE C 157 -20.12 -14.65 9.54
N ASN C 158 -19.18 -14.48 10.49
CA ASN C 158 -19.14 -13.31 11.36
C ASN C 158 -18.84 -12.03 10.59
N PHE C 159 -18.06 -12.11 9.51
CA PHE C 159 -17.76 -10.97 8.65
C PHE C 159 -19.02 -10.42 7.99
N ILE C 160 -19.86 -11.32 7.43
CA ILE C 160 -21.13 -10.94 6.77
C ILE C 160 -22.05 -10.31 7.80
N HIS C 161 -22.15 -10.93 9.00
CA HIS C 161 -22.97 -10.45 10.12
C HIS C 161 -22.56 -9.04 10.54
N LYS C 162 -21.24 -8.79 10.61
CA LYS C 162 -20.70 -7.49 11.01
C LYS C 162 -20.84 -6.45 9.91
N LEU C 163 -20.79 -6.87 8.63
CA LEU C 163 -20.93 -5.98 7.49
C LEU C 163 -22.36 -5.48 7.44
N LYS C 164 -23.34 -6.42 7.53
CA LYS C 164 -24.77 -6.08 7.52
C LYS C 164 -25.17 -5.18 8.70
N HIS C 165 -24.42 -5.24 9.81
CA HIS C 165 -24.64 -4.45 11.03
C HIS C 165 -24.29 -2.96 10.85
N LEU C 166 -23.46 -2.61 9.84
CA LEU C 166 -23.09 -1.21 9.59
C LEU C 166 -24.32 -0.40 9.14
N PRO C 167 -24.43 0.87 9.55
CA PRO C 167 -25.63 1.65 9.22
C PRO C 167 -25.77 2.08 7.76
N GLU C 168 -24.65 2.30 7.04
CA GLU C 168 -24.72 2.74 5.65
C GLU C 168 -23.88 1.88 4.70
N LYS C 169 -24.22 1.90 3.41
CA LYS C 169 -23.51 1.12 2.40
C LYS C 169 -22.08 1.59 2.16
N TYR C 170 -21.83 2.92 2.20
CA TYR C 170 -20.48 3.45 1.94
C TYR C 170 -19.44 2.93 2.94
N MET C 171 -19.89 2.67 4.17
CA MET C 171 -19.07 2.19 5.27
C MET C 171 -18.62 0.76 4.97
N MET C 172 -19.54 -0.08 4.45
CA MET C 172 -19.29 -1.47 4.11
C MET C 172 -18.27 -1.56 2.98
N ASN C 173 -18.38 -0.66 1.99
CA ASN C 173 -17.44 -0.61 0.88
C ASN C 173 -16.03 -0.26 1.35
N SER C 174 -15.93 0.61 2.38
CA SER C 174 -14.66 1.03 2.98
C SER C 174 -13.99 -0.14 3.70
N VAL C 175 -14.76 -0.94 4.42
CA VAL C 175 -14.22 -2.10 5.11
C VAL C 175 -13.77 -3.14 4.07
N LEU C 176 -14.64 -3.44 3.07
CA LEU C 176 -14.33 -4.38 1.99
C LEU C 176 -13.10 -4.01 1.14
N GLU C 177 -12.61 -2.78 1.28
CA GLU C 177 -11.44 -2.24 0.62
C GLU C 177 -10.16 -3.02 1.07
N ASN C 178 -10.16 -3.51 2.31
CA ASN C 178 -9.02 -4.28 2.82
C ASN C 178 -9.36 -5.77 2.95
N PHE C 179 -10.37 -6.24 2.21
CA PHE C 179 -10.82 -7.61 2.22
C PHE C 179 -10.74 -8.18 0.82
N THR C 180 -9.93 -9.22 0.66
CA THR C 180 -9.79 -9.94 -0.60
C THR C 180 -9.89 -11.45 -0.40
N ILE C 181 -10.13 -12.20 -1.48
CA ILE C 181 -10.16 -13.66 -1.41
C ILE C 181 -9.30 -14.17 -2.57
N LEU C 182 -8.36 -15.10 -2.33
CA LEU C 182 -7.56 -15.65 -3.41
C LEU C 182 -7.91 -17.12 -3.58
N LEU C 183 -8.39 -17.48 -4.75
CA LEU C 183 -8.77 -18.84 -5.04
C LEU C 183 -7.78 -19.48 -6.00
N VAL C 184 -7.06 -20.53 -5.57
CA VAL C 184 -6.12 -21.23 -6.46
C VAL C 184 -6.51 -22.71 -6.65
N VAL C 185 -6.76 -23.15 -7.88
CA VAL C 185 -7.13 -24.53 -8.19
C VAL C 185 -5.89 -25.16 -8.85
N THR C 186 -5.36 -26.26 -8.27
CA THR C 186 -4.11 -26.90 -8.69
C THR C 186 -4.24 -28.38 -9.02
N ASN C 187 -3.40 -28.88 -9.96
CA ASN C 187 -3.34 -30.30 -10.30
C ASN C 187 -2.47 -30.93 -9.19
N ARG C 188 -3.09 -31.43 -8.12
CA ARG C 188 -2.40 -32.02 -6.97
C ARG C 188 -1.14 -32.83 -7.28
N ASP C 189 -1.18 -33.67 -8.33
CA ASP C 189 -0.06 -34.50 -8.72
C ASP C 189 1.05 -33.68 -9.42
N THR C 190 0.72 -32.99 -10.52
CA THR C 190 1.63 -32.13 -11.28
C THR C 190 2.10 -30.90 -10.49
N GLN C 191 1.27 -30.41 -9.56
CA GLN C 191 1.47 -29.18 -8.78
C GLN C 191 1.41 -27.91 -9.70
N GLU C 192 0.76 -28.05 -10.86
CA GLU C 192 0.59 -27.00 -11.85
C GLU C 192 -0.69 -26.24 -11.54
N THR C 193 -0.63 -24.90 -11.62
CA THR C 193 -1.83 -24.09 -11.42
C THR C 193 -2.78 -24.23 -12.60
N LEU C 194 -4.00 -24.72 -12.31
CA LEU C 194 -5.04 -24.87 -13.31
C LEU C 194 -5.84 -23.60 -13.46
N LEU C 195 -6.12 -22.91 -12.34
CA LEU C 195 -6.91 -21.67 -12.33
C LEU C 195 -6.64 -20.83 -11.08
N CYS C 196 -6.50 -19.52 -11.22
CA CYS C 196 -6.34 -18.62 -10.09
C CYS C 196 -7.26 -17.43 -10.23
N MET C 197 -8.08 -17.18 -9.21
CA MET C 197 -8.97 -16.04 -9.21
C MET C 197 -8.77 -15.16 -7.98
N ALA C 198 -8.36 -13.93 -8.21
CA ALA C 198 -8.16 -12.95 -7.15
C ALA C 198 -9.46 -12.19 -7.07
N CYS C 199 -10.10 -12.21 -5.91
CA CYS C 199 -11.43 -11.64 -5.75
C CYS C 199 -11.43 -10.39 -4.93
N VAL C 200 -12.05 -9.35 -5.47
CA VAL C 200 -12.18 -8.03 -4.85
C VAL C 200 -13.70 -7.77 -4.67
N PHE C 201 -14.11 -7.13 -3.55
CA PHE C 201 -15.55 -6.92 -3.29
C PHE C 201 -15.99 -5.49 -2.98
N GLU C 202 -17.19 -5.16 -3.42
CA GLU C 202 -17.98 -3.96 -3.12
C GLU C 202 -19.42 -4.49 -2.80
N VAL C 203 -20.23 -3.66 -2.18
CA VAL C 203 -21.60 -3.99 -1.85
C VAL C 203 -22.47 -3.55 -3.00
N SER C 204 -23.37 -4.43 -3.47
CA SER C 204 -24.24 -4.09 -4.58
C SER C 204 -25.26 -3.04 -4.17
N ASN C 205 -25.66 -2.21 -5.14
CA ASN C 205 -26.65 -1.18 -4.91
C ASN C 205 -27.70 -1.17 -6.05
N SER C 206 -28.00 -2.33 -6.63
CA SER C 206 -29.00 -2.37 -7.70
C SER C 206 -30.19 -3.27 -7.33
N GLU C 207 -31.30 -3.05 -8.02
CA GLU C 207 -32.53 -3.81 -7.82
C GLU C 207 -32.37 -5.29 -8.26
N HIS C 208 -31.52 -5.55 -9.28
CA HIS C 208 -31.28 -6.95 -9.74
C HIS C 208 -30.23 -7.72 -8.85
N GLY C 209 -29.71 -7.05 -7.83
CA GLY C 209 -28.82 -7.62 -6.83
C GLY C 209 -27.36 -7.71 -7.18
N ALA C 210 -26.78 -8.86 -6.87
CA ALA C 210 -25.37 -9.14 -7.04
C ALA C 210 -24.90 -9.13 -8.49
N GLN C 211 -23.84 -8.34 -8.76
CA GLN C 211 -23.20 -8.21 -10.06
C GLN C 211 -21.71 -8.55 -9.98
N HIS C 212 -21.05 -8.69 -11.12
CA HIS C 212 -19.64 -9.02 -11.17
C HIS C 212 -19.00 -8.64 -12.51
N HIS C 213 -17.67 -8.44 -12.50
CA HIS C 213 -16.90 -8.20 -13.71
C HIS C 213 -15.62 -9.03 -13.62
N ILE C 214 -15.23 -9.69 -14.72
CA ILE C 214 -14.05 -10.56 -14.73
C ILE C 214 -12.98 -10.01 -15.62
N TYR C 215 -11.74 -10.03 -15.16
CA TYR C 215 -10.61 -9.51 -15.91
C TYR C 215 -9.53 -10.53 -16.01
N ARG C 216 -8.75 -10.43 -17.07
CA ARG C 216 -7.59 -11.27 -17.29
C ARG C 216 -6.42 -10.55 -16.59
N LEU C 217 -5.66 -11.26 -15.77
CA LEU C 217 -4.52 -10.64 -15.07
C LEU C 217 -3.27 -10.76 -15.93
N VAL C 218 -2.64 -9.63 -16.30
CA VAL C 218 -1.47 -9.60 -17.18
C VAL C 218 -0.21 -9.00 -16.52
N LYS C 219 0.95 -9.30 -17.09
CA LYS C 219 2.20 -8.82 -16.53
C LYS C 219 2.42 -7.31 -16.63
N ASP C 220 2.20 -6.74 -17.80
CA ASP C 220 2.41 -5.30 -17.96
C ASP C 220 1.13 -4.57 -18.32
N GLY D 1 -13.99 -36.89 -2.03
CA GLY D 1 -13.64 -35.50 -1.76
C GLY D 1 -13.26 -35.22 -0.30
N HIS D 2 -12.21 -34.37 -0.08
CA HIS D 2 -11.71 -34.05 1.29
C HIS D 2 -11.67 -32.54 1.59
N GLN D 3 -11.64 -32.14 2.88
CA GLN D 3 -11.67 -30.72 3.26
C GLN D 3 -10.91 -30.39 4.57
N ILE D 4 -9.97 -29.42 4.53
CA ILE D 4 -9.15 -28.96 5.66
C ILE D 4 -9.19 -27.41 5.75
N VAL D 5 -9.33 -26.84 6.96
CA VAL D 5 -9.35 -25.37 7.13
C VAL D 5 -8.24 -24.90 8.08
N HIS D 6 -7.36 -23.98 7.64
CA HIS D 6 -6.30 -23.47 8.49
C HIS D 6 -6.56 -22.05 8.97
N VAL D 7 -7.40 -21.88 9.99
CA VAL D 7 -7.70 -20.55 10.55
C VAL D 7 -6.54 -20.03 11.43
N ARG D 8 -6.43 -18.70 11.57
CA ARG D 8 -5.38 -18.07 12.41
C ARG D 8 -5.84 -17.98 13.87
N GLY D 9 -4.91 -17.89 14.80
CA GLY D 9 -5.20 -17.82 16.24
C GLY D 9 -5.89 -16.55 16.69
N ASP D 10 -5.60 -15.42 16.01
CA ASP D 10 -6.18 -14.13 16.34
C ASP D 10 -7.27 -13.70 15.35
N SER D 11 -8.03 -14.67 14.79
CA SER D 11 -9.08 -14.41 13.82
C SER D 11 -10.10 -13.37 14.29
N GLU D 12 -10.64 -13.52 15.51
CA GLU D 12 -11.62 -12.59 16.07
C GLU D 12 -11.07 -11.17 16.17
N THR D 13 -9.78 -11.06 16.53
CA THR D 13 -9.08 -9.80 16.67
C THR D 13 -8.81 -9.16 15.32
N ASP D 14 -8.46 -9.98 14.32
CA ASP D 14 -8.19 -9.53 12.96
C ASP D 14 -9.48 -9.02 12.30
N LEU D 15 -10.61 -9.72 12.56
CA LEU D 15 -11.89 -9.32 12.01
C LEU D 15 -12.33 -8.00 12.61
N GLU D 16 -12.17 -7.84 13.93
CA GLU D 16 -12.51 -6.59 14.63
C GLU D 16 -11.62 -5.43 14.15
N ALA D 17 -10.35 -5.72 13.82
CA ALA D 17 -9.42 -4.71 13.31
C ALA D 17 -9.78 -4.29 11.88
N LEU D 18 -10.31 -5.22 11.08
CA LEU D 18 -10.74 -4.95 9.71
C LEU D 18 -11.86 -3.89 9.69
N PHE D 19 -12.72 -3.88 10.73
CA PHE D 19 -13.81 -2.92 10.83
C PHE D 19 -13.33 -1.66 11.54
N ASN D 20 -12.56 -1.83 12.62
CA ASN D 20 -12.03 -0.72 13.40
C ASN D 20 -11.12 0.22 12.63
N ALA D 21 -10.59 -0.22 11.50
CA ALA D 21 -9.75 0.60 10.64
C ALA D 21 -10.57 1.77 10.07
N VAL D 22 -11.82 1.49 9.68
CA VAL D 22 -12.77 2.44 9.12
C VAL D 22 -13.52 3.20 10.23
N MET D 23 -13.83 2.52 11.34
CA MET D 23 -14.53 3.14 12.45
C MET D 23 -13.67 4.12 13.27
N ASN D 24 -12.36 3.86 13.39
CA ASN D 24 -11.41 4.74 14.10
C ASN D 24 -10.09 4.83 13.33
N PRO D 25 -10.00 5.68 12.28
CA PRO D 25 -8.76 5.75 11.49
C PRO D 25 -7.53 6.28 12.23
N LYS D 26 -7.70 7.24 13.14
CA LYS D 26 -6.58 7.77 13.93
C LYS D 26 -6.19 6.81 15.08
N THR D 27 -7.11 5.88 15.48
CA THR D 27 -6.96 4.93 16.58
C THR D 27 -6.36 3.57 16.13
N ALA D 28 -7.01 2.86 15.20
CA ALA D 28 -6.51 1.56 14.76
C ALA D 28 -5.20 1.67 14.00
N ASN D 29 -4.18 0.92 14.43
CA ASN D 29 -2.89 0.94 13.76
C ASN D 29 -2.89 -0.19 12.71
N VAL D 30 -3.62 0.02 11.61
CA VAL D 30 -3.73 -0.94 10.52
C VAL D 30 -2.84 -0.51 9.34
N PRO D 31 -2.45 -1.45 8.47
CA PRO D 31 -1.63 -1.06 7.31
C PRO D 31 -2.39 -0.13 6.38
N GLN D 32 -1.71 0.91 5.86
CA GLN D 32 -2.30 1.89 4.94
C GLN D 32 -1.94 1.54 3.48
N THR D 33 -2.83 1.83 2.53
CA THR D 33 -2.61 1.52 1.11
C THR D 33 -3.34 2.55 0.18
N VAL D 34 -3.00 2.57 -1.12
CA VAL D 34 -3.67 3.42 -2.09
C VAL D 34 -5.11 2.96 -2.27
N PRO D 35 -6.09 3.87 -2.10
CA PRO D 35 -7.49 3.49 -2.31
C PRO D 35 -7.72 2.94 -3.72
N MET D 36 -8.47 1.87 -3.84
CA MET D 36 -8.76 1.20 -5.10
C MET D 36 -9.21 2.13 -6.22
N ARG D 37 -10.04 3.13 -5.87
CA ARG D 37 -10.54 4.10 -6.84
C ARG D 37 -9.44 4.94 -7.47
N LEU D 38 -8.37 5.21 -6.70
CA LEU D 38 -7.26 5.99 -7.18
C LEU D 38 -6.17 5.20 -7.91
N ARG D 39 -6.34 3.87 -8.05
CA ARG D 39 -5.41 3.00 -8.76
C ARG D 39 -5.70 2.95 -10.25
N LYS D 40 -4.73 2.51 -11.04
CA LYS D 40 -4.88 2.39 -12.48
C LYS D 40 -5.61 1.10 -12.85
N LEU D 41 -6.94 1.09 -12.64
CA LEU D 41 -7.82 -0.04 -12.95
C LEU D 41 -8.83 0.40 -14.03
N PRO D 42 -9.41 -0.55 -14.80
CA PRO D 42 -10.36 -0.17 -15.86
C PRO D 42 -11.55 0.62 -15.33
N ASP D 43 -12.12 1.50 -16.17
CA ASP D 43 -13.31 2.28 -15.78
C ASP D 43 -14.45 1.39 -15.28
N SER D 44 -14.58 0.20 -15.89
CA SER D 44 -15.59 -0.79 -15.51
C SER D 44 -15.45 -1.34 -14.09
N PHE D 45 -14.30 -1.14 -13.44
CA PHE D 45 -14.08 -1.66 -12.09
C PHE D 45 -15.02 -1.05 -11.06
N PHE D 46 -15.53 0.15 -11.32
CA PHE D 46 -16.42 0.83 -10.37
C PHE D 46 -17.79 1.13 -10.92
N LYS D 47 -18.07 0.78 -12.18
CA LYS D 47 -19.37 0.96 -12.81
C LYS D 47 -19.92 -0.46 -13.03
N PRO D 48 -20.80 -0.92 -12.12
CA PRO D 48 -21.39 -2.27 -12.29
C PRO D 48 -22.18 -2.39 -13.57
N PRO D 49 -22.29 -3.62 -14.11
CA PRO D 49 -23.04 -3.81 -15.37
C PRO D 49 -24.44 -3.21 -15.40
CL CL E . 18.31 13.95 10.11
C1 A1IHH F . 14.53 20.23 5.23
C2 A1IHH F . 14.04 21.22 4.36
C3 A1IHH F . 13.63 20.87 3.11
C7 A1IHH F . 15.44 16.71 5.61
C8 A1IHH F . 16.66 14.82 6.60
C9 A1IHH F . 17.66 14.27 5.63
C10 A1IHH F . 18.66 13.42 6.08
C11 A1IHH F . 19.51 12.79 5.19
C12 A1IHH F . 19.38 13.02 3.82
C13 A1IHH F . 20.03 11.24 2.29
C14 A1IHH F . 21.08 10.59 1.64
C15 A1IHH F . 20.81 9.47 0.88
C16 A1IHH F . 19.52 8.99 0.77
C19 A1IHH F . 18.39 13.87 3.35
C20 A1IHH F . 17.55 14.50 4.25
O1 A1IHH F . 14.91 16.02 4.74
C A1IHH F . 15.13 18.14 5.79
C6 A1IHH F . 15.39 19.02 6.80
N1 A1IHH F . 15.03 20.31 6.48
N A1IHH F . 14.55 18.91 4.78
C5 A1IHH F . 14.09 18.56 3.52
C4 A1IHH F . 13.64 19.52 2.69
N2 A1IHH F . 16.37 16.25 6.45
O A1IHH F . 20.32 12.42 2.97
C18 A1IHH F . 18.74 10.75 2.20
C17 A1IHH F . 18.49 9.62 1.43
CL CL G . -15.25 -19.76 3.07
C1 A1IHH H . -14.77 -20.24 -5.67
C2 A1IHH H . -14.73 -20.30 -7.08
C3 A1IHH H . -14.62 -19.14 -7.81
C7 A1IHH H . -15.07 -18.05 -2.73
C8 A1IHH H . -15.69 -17.56 -0.43
C9 A1IHH H . -16.84 -16.60 -0.26
C10 A1IHH H . -17.17 -15.70 -1.26
C11 A1IHH H . -18.13 -14.71 -1.04
C12 A1IHH H . -18.76 -14.63 0.19
C13 A1IHH H . -19.51 -12.42 0.83
C14 A1IHH H . -20.53 -11.67 1.37
C15 A1IHH H . -20.29 -10.36 1.74
C16 A1IHH H . -19.06 -9.78 1.54
C19 A1IHH H . -18.44 -15.53 1.20
C20 A1IHH H . -17.49 -16.51 0.96
O1 A1IHH H . -14.61 -16.94 -2.94
C A1IHH H . -14.88 -19.18 -3.69
C6 A1IHH H . -14.95 -20.54 -3.55
N1 A1IHH H . -14.89 -21.20 -4.75
N A1IHH H . -14.74 -18.98 -5.06
C5 A1IHH H . -14.59 -17.81 -5.80
C4 A1IHH H . -14.53 -17.89 -7.15
N2 A1IHH H . -15.78 -18.36 -1.64
O A1IHH H . -19.79 -13.73 0.43
C18 A1IHH H . -18.25 -11.86 0.63
C17 A1IHH H . -18.04 -10.53 0.99
#